data_5B21
#
_entry.id   5B21
#
_cell.length_a   78.320
_cell.length_b   78.320
_cell.length_c   70.840
_cell.angle_alpha   90.00
_cell.angle_beta   90.00
_cell.angle_gamma   120.00
#
_symmetry.space_group_name_H-M   'P 32 2 1'
#
loop_
_entity.id
_entity.type
_entity.pdbx_description
1 polymer 'murine Nectin-1 D1'
2 water water
#
_entity_poly.entity_id   1
_entity_poly.type   'polypeptide(L)'
_entity_poly.pdbx_seq_one_letter_code
;QVVQVNDSMYGFIGTDVVLHCSFANPLPSVKITQVTWQKASNGSKQNMAIYNPTMGVSVLPPYEKRVEFLRPSFIDGTIR
LSGLELEDEGMYICEFATFPTGNRESQLNLTVMA
;
_entity_poly.pdbx_strand_id   A,B
#
# COMPACT_ATOMS: atom_id res chain seq x y z
N GLN A 1 10.42 2.53 7.20
CA GLN A 1 11.02 2.42 5.87
C GLN A 1 10.05 2.82 4.77
N VAL A 2 8.78 2.49 4.94
CA VAL A 2 7.77 2.77 3.92
C VAL A 2 7.07 4.11 4.14
N VAL A 3 7.08 4.59 5.38
CA VAL A 3 6.48 5.89 5.69
C VAL A 3 7.56 6.96 5.74
N GLN A 4 7.49 7.92 4.83
CA GLN A 4 8.55 8.92 4.74
C GLN A 4 8.07 10.32 5.13
N VAL A 5 6.76 10.50 5.18
CA VAL A 5 6.19 11.80 5.54
C VAL A 5 5.04 11.66 6.53
N ASN A 6 5.08 12.44 7.60
CA ASN A 6 4.01 12.45 8.60
C ASN A 6 3.71 13.87 9.05
N ASP A 7 2.63 14.43 8.52
CA ASP A 7 2.25 15.82 8.82
C ASP A 7 0.81 15.93 9.33
N SER A 8 0.34 17.16 9.44
CA SER A 8 -1.02 17.43 9.92
C SER A 8 -1.70 18.52 9.11
N MET A 9 -3.02 18.53 9.14
CA MET A 9 -3.81 19.51 8.38
C MET A 9 -4.99 20.05 9.19
N TYR A 10 -5.46 21.23 8.80
CA TYR A 10 -6.61 21.85 9.44
C TYR A 10 -7.49 22.53 8.39
N GLY A 11 -8.73 22.83 8.76
CA GLY A 11 -9.64 23.49 7.84
C GLY A 11 -11.03 23.71 8.41
N PHE A 12 -11.71 24.73 7.90
CA PHE A 12 -13.07 25.03 8.33
C PHE A 12 -14.10 24.27 7.50
N ILE A 13 -15.32 24.16 8.02
CA ILE A 13 -16.39 23.47 7.33
C ILE A 13 -16.81 24.21 6.07
N GLY A 14 -16.92 23.49 4.96
CA GLY A 14 -17.32 24.08 3.70
C GLY A 14 -16.14 24.55 2.87
N THR A 15 -15.02 24.78 3.54
CA THR A 15 -13.80 25.23 2.87
C THR A 15 -13.09 24.07 2.20
N ASP A 16 -12.23 24.39 1.24
CA ASP A 16 -11.46 23.38 0.52
C ASP A 16 -10.06 23.27 1.09
N VAL A 17 -9.52 22.05 1.10
CA VAL A 17 -8.15 21.85 1.58
C VAL A 17 -7.29 21.15 0.53
N VAL A 18 -6.03 21.55 0.45
CA VAL A 18 -5.10 20.98 -0.50
C VAL A 18 -4.13 20.02 0.20
N LEU A 19 -4.40 18.74 0.08
CA LEU A 19 -3.53 17.70 0.63
C LEU A 19 -2.38 17.43 -0.33
N HIS A 20 -1.17 17.83 0.07
CA HIS A 20 0.01 17.67 -0.76
C HIS A 20 0.62 16.28 -0.62
N CYS A 21 1.19 15.79 -1.71
CA CYS A 21 1.83 14.48 -1.73
C CYS A 21 2.78 14.38 -2.91
N SER A 22 4.07 14.20 -2.63
CA SER A 22 5.09 14.17 -3.68
C SER A 22 6.26 13.26 -3.34
N PHE A 23 7.06 12.93 -4.34
CA PHE A 23 8.22 12.07 -4.18
C PHE A 23 9.43 12.66 -4.89
N ALA A 24 10.46 12.98 -4.11
CA ALA A 24 11.73 13.47 -4.64
C ALA A 24 12.84 13.20 -3.64
N ASN A 25 13.95 12.62 -4.10
CA ASN A 25 14.14 12.30 -5.52
C ASN A 25 14.11 10.81 -5.79
N PRO A 26 13.21 10.37 -6.69
CA PRO A 26 13.23 8.98 -7.12
C PRO A 26 14.49 8.69 -7.93
N LEU A 27 15.28 7.72 -7.47
CA LEU A 27 16.50 7.34 -8.16
C LEU A 27 16.20 6.87 -9.57
N PRO A 28 17.17 7.01 -10.50
CA PRO A 28 16.98 6.55 -11.88
C PRO A 28 16.65 5.06 -11.95
N SER A 29 17.03 4.33 -10.90
CA SER A 29 16.68 2.92 -10.78
C SER A 29 15.21 2.76 -10.40
N VAL A 30 14.72 3.67 -9.58
CA VAL A 30 13.35 3.60 -9.07
C VAL A 30 12.31 4.01 -10.11
N LYS A 31 11.32 3.14 -10.32
CA LYS A 31 10.21 3.43 -11.22
C LYS A 31 8.89 3.45 -10.45
N ILE A 32 8.15 4.54 -10.60
CA ILE A 32 6.84 4.67 -9.98
C ILE A 32 5.78 4.03 -10.87
N THR A 33 4.99 3.13 -10.28
CA THR A 33 3.99 2.39 -11.04
C THR A 33 2.58 2.93 -10.80
N GLN A 34 2.32 3.45 -9.61
CA GLN A 34 0.99 3.94 -9.25
C GLN A 34 1.01 4.85 -8.03
N VAL A 35 0.04 5.77 -7.96
CA VAL A 35 -0.15 6.63 -6.81
C VAL A 35 -1.57 6.47 -6.27
N THR A 36 -1.68 6.20 -4.97
CA THR A 36 -2.98 5.88 -4.38
C THR A 36 -3.29 6.70 -3.13
N TRP A 37 -4.51 7.22 -3.05
CA TRP A 37 -4.97 7.95 -1.87
C TRP A 37 -5.93 7.11 -1.05
N GLN A 38 -5.71 7.06 0.26
CA GLN A 38 -6.56 6.28 1.16
C GLN A 38 -6.93 7.09 2.41
N LYS A 39 -8.05 6.73 3.03
CA LYS A 39 -8.47 7.34 4.28
C LYS A 39 -8.64 6.30 5.37
N ALA A 40 -8.10 6.58 6.56
CA ALA A 40 -8.22 5.67 7.69
C ALA A 40 -9.19 6.22 8.73
N SER A 41 -10.28 5.49 8.97
CA SER A 41 -11.29 5.91 9.93
C SER A 41 -11.70 4.77 10.85
N ASN A 42 -11.40 4.92 12.14
CA ASN A 42 -11.76 3.94 13.16
C ASN A 42 -11.34 2.51 12.80
N GLY A 43 -10.08 2.35 12.42
CA GLY A 43 -9.54 1.04 12.09
C GLY A 43 -10.07 0.47 10.78
N SER A 44 -10.20 1.32 9.77
CA SER A 44 -10.70 0.89 8.46
C SER A 44 -10.19 1.78 7.34
N LYS A 45 -9.45 1.19 6.41
CA LYS A 45 -8.95 1.91 5.25
C LYS A 45 -10.00 2.00 4.14
N GLN A 46 -9.96 3.07 3.37
CA GLN A 46 -10.89 3.27 2.28
C GLN A 46 -10.21 3.97 1.10
N ASN A 47 -10.32 3.37 -0.08
CA ASN A 47 -9.71 3.93 -1.28
C ASN A 47 -10.46 5.16 -1.80
N MET A 48 -9.71 6.23 -2.05
CA MET A 48 -10.30 7.49 -2.48
C MET A 48 -10.08 7.76 -3.96
N ALA A 49 -8.81 7.95 -4.32
CA ALA A 49 -8.45 8.27 -5.70
C ALA A 49 -7.14 7.61 -6.08
N ILE A 50 -7.00 7.28 -7.36
CA ILE A 50 -5.80 6.61 -7.86
C ILE A 50 -5.31 7.25 -9.15
N TYR A 51 -4.02 7.55 -9.21
CA TYR A 51 -3.39 7.97 -10.46
C TYR A 51 -2.33 6.98 -10.90
N ASN A 52 -2.58 6.33 -12.02
CA ASN A 52 -1.61 5.43 -12.63
C ASN A 52 -1.00 6.07 -13.86
N PRO A 53 0.33 6.21 -13.89
CA PRO A 53 1.05 6.88 -14.98
C PRO A 53 0.78 6.27 -16.35
N THR A 54 0.32 5.03 -16.39
CA THR A 54 0.13 4.32 -17.66
C THR A 54 -1.32 3.99 -17.96
N MET A 55 -2.24 4.37 -17.06
CA MET A 55 -3.64 4.01 -17.23
C MET A 55 -4.59 5.19 -17.05
N GLY A 56 -4.20 6.17 -16.23
CA GLY A 56 -5.00 7.36 -16.04
C GLY A 56 -5.42 7.63 -14.62
N VAL A 57 -6.52 8.38 -14.47
CA VAL A 57 -7.00 8.80 -13.16
C VAL A 57 -8.37 8.20 -12.84
N SER A 58 -8.55 7.77 -11.60
CA SER A 58 -9.83 7.24 -11.15
C SER A 58 -10.20 7.79 -9.78
N VAL A 59 -11.33 8.49 -9.68
CA VAL A 59 -11.81 8.99 -8.41
C VAL A 59 -12.99 8.17 -7.94
N LEU A 60 -12.83 7.50 -6.79
CA LEU A 60 -13.83 6.58 -6.30
C LEU A 60 -14.87 7.27 -5.41
N PRO A 61 -16.11 6.76 -5.42
CA PRO A 61 -17.16 7.26 -4.52
C PRO A 61 -16.77 7.08 -3.04
N PRO A 62 -17.25 7.97 -2.16
CA PRO A 62 -18.13 9.09 -2.48
C PRO A 62 -17.37 10.38 -2.78
N TYR A 63 -16.17 10.25 -3.33
CA TYR A 63 -15.31 11.40 -3.56
C TYR A 63 -15.28 11.86 -5.01
N GLU A 64 -16.17 11.28 -5.83
CA GLU A 64 -16.12 11.50 -7.28
C GLU A 64 -16.44 12.95 -7.68
N LYS A 65 -16.94 13.74 -6.74
CA LYS A 65 -17.28 15.14 -7.02
C LYS A 65 -16.52 16.10 -6.11
N ARG A 66 -15.82 15.56 -5.11
CA ARG A 66 -15.18 16.40 -4.10
C ARG A 66 -13.66 16.38 -4.17
N VAL A 67 -13.10 15.22 -4.49
CA VAL A 67 -11.64 15.05 -4.52
C VAL A 67 -11.12 15.19 -5.95
N GLU A 68 -9.96 15.82 -6.10
CA GLU A 68 -9.44 16.13 -7.43
C GLU A 68 -7.92 16.30 -7.48
N PHE A 69 -7.25 15.72 -8.46
CA PHE A 69 -5.82 15.96 -8.61
C PHE A 69 -5.56 17.34 -9.21
N LEU A 70 -4.50 17.98 -8.74
CA LEU A 70 -4.15 19.32 -9.21
C LEU A 70 -3.10 19.25 -10.31
N ARG A 71 -2.00 18.55 -10.01
CA ARG A 71 -0.93 18.35 -10.98
C ARG A 71 -0.49 16.88 -10.99
N PRO A 72 -1.40 15.98 -11.42
CA PRO A 72 -1.13 14.54 -11.34
C PRO A 72 0.09 14.11 -12.15
N SER A 73 1.14 13.71 -11.43
CA SER A 73 2.37 13.26 -12.05
C SER A 73 2.88 12.00 -11.36
N PHE A 74 3.94 11.42 -11.88
CA PHE A 74 4.55 10.24 -11.27
C PHE A 74 5.31 10.62 -10.01
N ILE A 75 5.41 11.92 -9.76
CA ILE A 75 6.07 12.43 -8.56
C ILE A 75 5.16 13.39 -7.78
N ASP A 76 3.89 13.46 -8.18
CA ASP A 76 2.96 14.36 -7.51
C ASP A 76 1.53 13.82 -7.53
N GLY A 77 1.01 13.55 -6.33
CA GLY A 77 -0.37 13.09 -6.19
C GLY A 77 -1.19 14.07 -5.37
N THR A 78 -0.74 15.32 -5.34
CA THR A 78 -1.41 16.38 -4.60
C THR A 78 -2.88 16.53 -5.03
N ILE A 79 -3.78 16.54 -4.05
CA ILE A 79 -5.20 16.65 -4.35
C ILE A 79 -5.87 17.79 -3.60
N ARG A 80 -7.01 18.23 -4.12
CA ARG A 80 -7.88 19.16 -3.42
C ARG A 80 -9.16 18.44 -3.03
N LEU A 81 -9.53 18.61 -1.77
CA LEU A 81 -10.78 18.09 -1.22
C LEU A 81 -11.68 19.26 -0.86
N SER A 82 -12.82 19.35 -1.54
CA SER A 82 -13.75 20.47 -1.36
C SER A 82 -14.96 20.07 -0.53
N GLY A 83 -15.59 21.06 0.09
CA GLY A 83 -16.76 20.84 0.92
C GLY A 83 -16.44 19.96 2.11
N LEU A 84 -15.62 20.48 3.02
CA LEU A 84 -15.18 19.72 4.19
C LEU A 84 -16.31 19.48 5.17
N GLU A 85 -16.64 18.21 5.37
CA GLU A 85 -17.63 17.81 6.36
C GLU A 85 -16.91 17.34 7.62
N LEU A 86 -17.66 17.21 8.72
CA LEU A 86 -17.08 16.77 9.99
C LEU A 86 -16.49 15.36 9.87
N GLU A 87 -17.15 14.53 9.07
CA GLU A 87 -16.76 13.13 8.91
C GLU A 87 -15.40 13.01 8.20
N ASP A 88 -14.99 14.06 7.51
CA ASP A 88 -13.73 14.06 6.78
C ASP A 88 -12.53 14.05 7.71
N GLU A 89 -12.78 14.27 8.99
CA GLU A 89 -11.74 14.25 10.01
C GLU A 89 -11.00 12.91 10.02
N GLY A 90 -9.67 12.95 10.03
CA GLY A 90 -8.89 11.73 10.11
C GLY A 90 -7.62 11.70 9.28
N MET A 91 -6.93 10.56 9.32
CA MET A 91 -5.66 10.40 8.63
C MET A 91 -5.85 9.99 7.17
N TYR A 92 -5.15 10.69 6.28
CA TYR A 92 -5.15 10.39 4.87
C TYR A 92 -3.76 9.92 4.44
N ILE A 93 -3.73 8.85 3.65
CA ILE A 93 -2.47 8.24 3.25
C ILE A 93 -2.29 8.25 1.73
N CYS A 94 -1.19 8.86 1.28
CA CYS A 94 -0.84 8.86 -0.13
C CYS A 94 0.30 7.90 -0.37
N GLU A 95 0.04 6.85 -1.15
CA GLU A 95 1.01 5.77 -1.34
C GLU A 95 1.61 5.74 -2.75
N PHE A 96 2.93 5.66 -2.80
CA PHE A 96 3.63 5.44 -4.07
C PHE A 96 4.11 4.00 -4.17
N ALA A 97 3.53 3.25 -5.09
CA ALA A 97 3.98 1.89 -5.37
C ALA A 97 5.14 1.95 -6.37
N THR A 98 6.33 1.56 -5.92
CA THR A 98 7.52 1.67 -6.75
C THR A 98 8.26 0.34 -6.92
N PHE A 99 9.09 0.28 -7.95
CA PHE A 99 9.90 -0.90 -8.23
C PHE A 99 11.33 -0.46 -8.50
N PRO A 100 12.31 -1.13 -7.88
CA PRO A 100 12.19 -2.30 -7.01
C PRO A 100 12.13 -1.95 -5.52
N THR A 101 11.99 -0.67 -5.20
CA THR A 101 12.04 -0.22 -3.82
C THR A 101 10.79 -0.57 -3.02
N GLY A 102 9.63 -0.63 -3.69
CA GLY A 102 8.40 -0.97 -3.02
C GLY A 102 7.56 0.24 -2.67
N ASN A 103 6.76 0.12 -1.62
CA ASN A 103 5.85 1.18 -1.23
C ASN A 103 6.51 2.29 -0.41
N ARG A 104 6.26 3.53 -0.81
CA ARG A 104 6.68 4.69 -0.04
C ARG A 104 5.49 5.61 0.16
N GLU A 105 5.06 5.78 1.41
CA GLU A 105 3.83 6.51 1.66
C GLU A 105 4.00 7.73 2.57
N SER A 106 3.01 8.62 2.48
CA SER A 106 2.95 9.84 3.27
C SER A 106 1.62 9.90 4.01
N GLN A 107 1.67 10.18 5.31
CA GLN A 107 0.46 10.24 6.12
C GLN A 107 0.23 11.65 6.66
N LEU A 108 -1.00 12.14 6.54
CA LEU A 108 -1.34 13.45 7.08
C LEU A 108 -2.71 13.45 7.75
N ASN A 109 -2.77 13.97 8.96
CA ASN A 109 -4.02 13.99 9.72
C ASN A 109 -4.78 15.29 9.55
N LEU A 110 -5.93 15.22 8.87
CA LEU A 110 -6.75 16.39 8.60
C LEU A 110 -7.83 16.55 9.67
N THR A 111 -7.75 17.66 10.42
CA THR A 111 -8.72 17.95 11.47
C THR A 111 -9.74 18.98 10.97
N VAL A 112 -11.00 18.79 11.35
CA VAL A 112 -12.07 19.69 10.91
C VAL A 112 -12.44 20.68 12.00
N MET A 113 -12.46 21.97 11.65
CA MET A 113 -12.82 23.02 12.60
C MET A 113 -13.97 23.87 12.09
N ALA A 114 -14.46 24.77 12.94
CA ALA A 114 -15.54 25.68 12.58
C ALA A 114 -15.63 26.85 13.56
N GLN B 1 -12.87 -1.19 2.75
CA GLN B 1 -12.79 -2.54 2.22
C GLN B 1 -11.40 -2.82 1.64
N VAL B 2 -10.39 -2.19 2.23
CA VAL B 2 -9.02 -2.35 1.76
C VAL B 2 -8.35 -3.57 2.38
N VAL B 3 -8.44 -3.69 3.71
CA VAL B 3 -7.73 -4.75 4.43
C VAL B 3 -8.51 -6.06 4.46
N GLN B 4 -7.83 -7.14 4.10
CA GLN B 4 -8.40 -8.49 4.20
C GLN B 4 -7.58 -9.36 5.14
N VAL B 5 -7.94 -9.34 6.42
CA VAL B 5 -7.22 -10.15 7.41
C VAL B 5 -7.38 -11.63 7.09
N ASN B 6 -6.25 -12.30 6.90
CA ASN B 6 -6.25 -13.69 6.45
C ASN B 6 -5.98 -14.70 7.55
N ASP B 7 -5.26 -15.76 7.20
CA ASP B 7 -4.90 -16.82 8.12
C ASP B 7 -3.95 -16.31 9.20
N SER B 8 -3.58 -17.20 10.10
CA SER B 8 -2.47 -16.99 11.01
C SER B 8 -1.51 -18.16 10.85
N MET B 9 -0.28 -17.87 10.45
CA MET B 9 0.68 -18.93 10.17
C MET B 9 1.56 -19.23 11.36
N TYR B 10 1.79 -20.52 11.59
CA TYR B 10 2.69 -20.98 12.65
C TYR B 10 3.83 -21.78 12.04
N GLY B 11 5.05 -21.28 12.20
CA GLY B 11 6.23 -21.92 11.64
C GLY B 11 7.19 -22.40 12.70
N PHE B 12 8.37 -22.84 12.28
CA PHE B 12 9.35 -23.40 13.19
C PHE B 12 10.76 -22.92 12.89
N ILE B 13 11.54 -22.72 13.94
CA ILE B 13 12.92 -22.23 13.80
C ILE B 13 13.76 -23.19 12.98
N GLY B 14 14.40 -22.67 11.94
CA GLY B 14 15.24 -23.47 11.07
C GLY B 14 14.51 -23.86 9.80
N THR B 15 13.26 -24.29 9.95
CA THR B 15 12.45 -24.67 8.80
C THR B 15 11.95 -23.45 8.05
N ASP B 16 11.49 -23.66 6.82
CA ASP B 16 10.93 -22.59 6.01
C ASP B 16 9.41 -22.55 6.17
N VAL B 17 8.79 -21.47 5.73
CA VAL B 17 7.34 -21.35 5.82
C VAL B 17 6.76 -20.78 4.53
N VAL B 18 5.53 -21.15 4.22
CA VAL B 18 4.85 -20.63 3.05
C VAL B 18 3.79 -19.60 3.43
N LEU B 19 4.13 -18.32 3.23
CA LEU B 19 3.19 -17.23 3.45
C LEU B 19 2.30 -17.10 2.23
N HIS B 20 0.99 -17.02 2.45
N HIS B 20 1.00 -16.95 2.46
CA HIS B 20 0.04 -17.06 1.34
CA HIS B 20 0.02 -17.04 1.37
C HIS B 20 -0.60 -15.71 1.05
C HIS B 20 -0.70 -15.73 1.05
N CYS B 21 -0.72 -15.40 -0.24
CA CYS B 21 -1.36 -14.18 -0.69
C CYS B 21 -1.84 -14.34 -2.13
N SER B 22 -3.16 -14.42 -2.31
CA SER B 22 -3.74 -14.54 -3.64
C SER B 22 -4.83 -13.48 -3.85
N PHE B 23 -5.19 -13.26 -5.10
CA PHE B 23 -6.23 -12.28 -5.42
C PHE B 23 -7.48 -12.97 -5.96
N ALA B 24 -8.61 -12.71 -5.32
CA ALA B 24 -9.89 -13.27 -5.73
C ALA B 24 -11.03 -12.35 -5.30
N ASN B 25 -11.97 -12.10 -6.20
CA ASN B 25 -11.96 -12.70 -7.54
C ASN B 25 -11.49 -11.72 -8.60
N PRO B 26 -10.59 -12.16 -9.49
CA PRO B 26 -10.04 -11.31 -10.54
C PRO B 26 -11.07 -10.96 -11.61
N LEU B 27 -11.11 -9.68 -11.98
CA LEU B 27 -12.01 -9.21 -13.03
C LEU B 27 -11.20 -8.56 -14.15
N PRO B 28 -11.66 -8.74 -15.40
CA PRO B 28 -10.98 -8.15 -16.56
C PRO B 28 -10.94 -6.63 -16.51
N SER B 29 -11.87 -6.04 -15.78
CA SER B 29 -11.95 -4.59 -15.65
C SER B 29 -10.95 -4.08 -14.61
N VAL B 30 -10.44 -4.99 -13.79
CA VAL B 30 -9.48 -4.64 -12.74
C VAL B 30 -8.08 -5.13 -13.08
N LYS B 31 -7.13 -4.21 -13.11
CA LYS B 31 -5.76 -4.54 -13.49
C LYS B 31 -4.81 -4.44 -12.30
N ILE B 32 -4.09 -5.54 -12.03
CA ILE B 32 -3.13 -5.56 -10.93
C ILE B 32 -1.78 -5.02 -11.38
N THR B 33 -1.27 -4.01 -10.66
CA THR B 33 -0.02 -3.37 -11.03
C THR B 33 1.17 -3.96 -10.29
N GLN B 34 1.00 -4.22 -8.99
CA GLN B 34 2.08 -4.77 -8.18
C GLN B 34 1.59 -5.57 -6.99
N VAL B 35 2.39 -6.54 -6.58
CA VAL B 35 2.18 -7.27 -5.33
C VAL B 35 3.33 -6.93 -4.41
N THR B 36 3.03 -6.54 -3.17
CA THR B 36 4.07 -6.05 -2.27
C THR B 36 3.97 -6.62 -0.87
N TRP B 37 4.92 -7.47 -0.51
CA TRP B 37 5.07 -7.96 0.85
C TRP B 37 5.84 -6.96 1.71
N GLN B 38 5.23 -6.60 2.83
CA GLN B 38 5.83 -5.71 3.83
C GLN B 38 5.74 -6.35 5.21
N LYS B 39 6.72 -6.10 6.07
CA LYS B 39 6.64 -6.55 7.45
C LYS B 39 6.33 -5.40 8.39
N ALA B 40 5.24 -5.54 9.14
CA ALA B 40 4.88 -4.53 10.14
C ALA B 40 5.43 -4.90 11.50
N SER B 41 5.93 -3.90 12.22
CA SER B 41 6.51 -4.11 13.55
C SER B 41 6.66 -2.79 14.29
N ASN B 42 6.33 -2.81 15.58
CA ASN B 42 6.46 -1.62 16.44
C ASN B 42 5.68 -0.41 15.92
N GLY B 43 4.75 -0.65 15.01
CA GLY B 43 3.97 0.41 14.42
C GLY B 43 4.59 0.95 13.13
N SER B 44 5.69 0.34 12.70
CA SER B 44 6.39 0.78 11.50
C SER B 44 6.58 -0.35 10.49
N LYS B 45 6.15 -0.11 9.26
CA LYS B 45 6.22 -1.11 8.20
C LYS B 45 7.57 -1.09 7.49
N GLN B 46 7.84 -2.14 6.72
CA GLN B 46 9.12 -2.31 6.05
C GLN B 46 8.98 -3.14 4.78
N ASN B 47 9.40 -2.57 3.64
CA ASN B 47 9.31 -3.27 2.36
C ASN B 47 10.12 -4.55 2.35
N MET B 48 9.47 -5.66 2.01
CA MET B 48 10.11 -6.97 2.00
C MET B 48 10.32 -7.49 0.59
N ALA B 49 9.25 -7.56 -0.19
CA ALA B 49 9.37 -8.08 -1.56
C ALA B 49 8.32 -7.47 -2.49
N ILE B 50 8.62 -7.46 -3.79
CA ILE B 50 7.71 -6.89 -4.78
C ILE B 50 7.71 -7.70 -6.07
N TYR B 51 6.53 -8.15 -6.49
CA TYR B 51 6.38 -8.72 -7.82
C TYR B 51 5.60 -7.76 -8.72
N ASN B 52 6.21 -7.42 -9.85
CA ASN B 52 5.55 -6.60 -10.86
C ASN B 52 5.43 -7.41 -12.15
N PRO B 53 4.19 -7.54 -12.66
CA PRO B 53 3.88 -8.30 -13.88
C PRO B 53 4.76 -7.93 -15.08
N THR B 54 5.35 -6.74 -15.06
CA THR B 54 6.18 -6.28 -16.16
C THR B 54 7.63 -6.05 -15.77
N MET B 55 7.85 -5.72 -14.50
CA MET B 55 9.19 -5.35 -14.04
C MET B 55 9.95 -6.53 -13.44
N GLY B 56 9.25 -7.63 -13.19
CA GLY B 56 9.88 -8.82 -12.65
C GLY B 56 9.78 -8.92 -11.14
N VAL B 57 10.78 -9.58 -10.53
CA VAL B 57 10.76 -9.82 -9.10
C VAL B 57 11.87 -9.05 -8.39
N SER B 58 11.52 -8.48 -7.23
CA SER B 58 12.47 -7.78 -6.39
C SER B 58 12.36 -8.24 -4.94
N VAL B 59 13.50 -8.54 -4.34
CA VAL B 59 13.55 -8.89 -2.93
C VAL B 59 14.50 -7.90 -2.25
N LEU B 60 14.07 -7.37 -1.11
CA LEU B 60 14.89 -6.39 -0.39
C LEU B 60 15.51 -7.01 0.86
N PRO B 61 16.73 -6.60 1.20
CA PRO B 61 17.37 -7.04 2.45
C PRO B 61 16.49 -6.66 3.64
N PRO B 62 16.51 -7.46 4.72
CA PRO B 62 17.32 -8.67 4.93
C PRO B 62 16.73 -9.96 4.36
N TYR B 63 15.91 -9.86 3.32
CA TYR B 63 15.12 -11.00 2.90
C TYR B 63 15.56 -11.62 1.58
N GLU B 64 16.57 -11.04 0.95
CA GLU B 64 17.16 -11.67 -0.23
C GLU B 64 17.81 -12.99 0.15
N LYS B 65 17.72 -13.97 -0.75
CA LYS B 65 18.17 -15.35 -0.50
C LYS B 65 17.41 -16.00 0.66
N ARG B 66 16.27 -15.41 1.02
CA ARG B 66 15.40 -15.96 2.04
C ARG B 66 13.98 -16.09 1.52
N VAL B 67 13.46 -14.99 0.98
CA VAL B 67 12.10 -14.94 0.45
C VAL B 67 12.09 -15.26 -1.04
N GLU B 68 11.20 -16.16 -1.45
CA GLU B 68 11.05 -16.46 -2.87
C GLU B 68 9.60 -16.68 -3.27
N PHE B 69 9.14 -15.92 -4.27
CA PHE B 69 7.80 -16.10 -4.81
C PHE B 69 7.63 -17.50 -5.41
N LEU B 70 6.60 -18.21 -4.96
CA LEU B 70 6.34 -19.57 -5.44
C LEU B 70 5.70 -19.55 -6.82
N ARG B 71 4.56 -18.89 -6.94
CA ARG B 71 3.85 -18.78 -8.21
C ARG B 71 3.59 -17.32 -8.56
N PRO B 72 4.66 -16.58 -8.90
CA PRO B 72 4.54 -15.13 -9.11
C PRO B 72 3.62 -14.77 -10.26
N SER B 73 2.36 -14.48 -9.92
CA SER B 73 1.41 -13.95 -10.90
C SER B 73 0.79 -12.67 -10.35
N PHE B 74 -0.20 -12.15 -11.06
CA PHE B 74 -0.86 -10.91 -10.64
C PHE B 74 -2.05 -11.22 -9.75
N ILE B 75 -2.36 -12.51 -9.62
CA ILE B 75 -3.40 -12.95 -8.71
C ILE B 75 -2.82 -13.89 -7.66
N ASP B 76 -1.50 -13.94 -7.61
CA ASP B 76 -0.80 -14.83 -6.68
C ASP B 76 0.53 -14.21 -6.26
N GLY B 77 0.64 -13.88 -4.98
CA GLY B 77 1.87 -13.33 -4.43
C GLY B 77 2.42 -14.19 -3.31
N THR B 78 2.10 -15.47 -3.35
CA THR B 78 2.54 -16.43 -2.33
C THR B 78 4.06 -16.53 -2.30
N ILE B 79 4.64 -16.44 -1.11
CA ILE B 79 6.09 -16.51 -0.98
C ILE B 79 6.54 -17.58 0.02
N ARG B 80 7.79 -17.99 -0.09
CA ARG B 80 8.40 -18.89 0.87
C ARG B 80 9.52 -18.18 1.59
N LEU B 81 9.42 -18.13 2.92
CA LEU B 81 10.44 -17.52 3.77
C LEU B 81 11.31 -18.60 4.38
N SER B 82 12.61 -18.56 4.08
CA SER B 82 13.55 -19.60 4.47
C SER B 82 14.24 -19.30 5.80
N GLY B 83 14.50 -20.36 6.57
CA GLY B 83 15.23 -20.24 7.82
C GLY B 83 14.56 -19.33 8.82
N LEU B 84 13.40 -19.76 9.32
CA LEU B 84 12.66 -18.99 10.32
C LEU B 84 13.43 -18.86 11.62
N GLU B 85 13.37 -17.69 12.23
CA GLU B 85 13.89 -17.50 13.56
C GLU B 85 12.99 -16.56 14.35
N LEU B 86 13.32 -16.35 15.62
CA LEU B 86 12.47 -15.60 16.54
C LEU B 86 12.15 -14.19 16.05
N GLU B 87 13.07 -13.60 15.30
CA GLU B 87 12.91 -12.23 14.82
C GLU B 87 11.86 -12.13 13.71
N ASP B 88 11.55 -13.26 13.09
CA ASP B 88 10.63 -13.29 11.96
C ASP B 88 9.17 -13.18 12.41
N GLU B 89 8.92 -13.47 13.68
CA GLU B 89 7.58 -13.40 14.24
C GLU B 89 7.01 -11.98 14.17
N GLY B 90 5.77 -11.86 13.70
CA GLY B 90 5.14 -10.56 13.59
C GLY B 90 4.08 -10.52 12.50
N MET B 91 3.56 -9.32 12.23
CA MET B 91 2.49 -9.16 11.25
C MET B 91 3.04 -8.90 9.85
N TYR B 92 2.48 -9.59 8.87
CA TYR B 92 2.89 -9.49 7.48
C TYR B 92 1.74 -9.00 6.60
N ILE B 93 2.06 -8.08 5.70
CA ILE B 93 1.07 -7.46 4.83
C ILE B 93 1.39 -7.69 3.35
N CYS B 94 0.49 -8.37 2.65
CA CYS B 94 0.65 -8.57 1.21
C CYS B 94 -0.34 -7.68 0.45
N GLU B 95 0.18 -6.67 -0.24
CA GLU B 95 -0.68 -5.67 -0.85
C GLU B 95 -0.75 -5.75 -2.37
N PHE B 96 -1.98 -5.77 -2.90
CA PHE B 96 -2.19 -5.69 -4.34
C PHE B 96 -2.55 -4.27 -4.74
N ALA B 97 -1.74 -3.67 -5.61
CA ALA B 97 -2.04 -2.36 -6.15
C ALA B 97 -2.82 -2.50 -7.46
N THR B 98 -4.12 -2.22 -7.40
CA THR B 98 -4.99 -2.42 -8.56
C THR B 98 -5.60 -1.12 -9.08
N PHE B 99 -5.80 -1.07 -10.39
CA PHE B 99 -6.44 0.07 -11.03
C PHE B 99 -7.64 -0.43 -11.83
N PRO B 100 -8.76 0.31 -11.78
CA PRO B 100 -8.95 1.58 -11.07
C PRO B 100 -9.60 1.43 -9.69
N THR B 101 -9.64 0.21 -9.15
CA THR B 101 -10.38 -0.05 -7.93
C THR B 101 -9.61 0.28 -6.66
N GLY B 102 -8.29 0.42 -6.76
CA GLY B 102 -7.48 0.77 -5.61
C GLY B 102 -6.66 -0.39 -5.09
N ASN B 103 -6.27 -0.32 -3.83
CA ASN B 103 -5.40 -1.34 -3.25
C ASN B 103 -6.13 -2.31 -2.31
N ARG B 104 -5.81 -3.59 -2.43
CA ARG B 104 -6.34 -4.61 -1.53
C ARG B 104 -5.19 -5.28 -0.77
N GLU B 105 -5.13 -5.08 0.54
CA GLU B 105 -4.06 -5.69 1.32
C GLU B 105 -4.53 -6.81 2.24
N SER B 106 -3.93 -7.99 2.07
CA SER B 106 -4.16 -9.11 2.97
C SER B 106 -3.21 -9.05 4.15
N GLN B 107 -3.70 -9.45 5.32
CA GLN B 107 -2.97 -9.27 6.57
C GLN B 107 -2.91 -10.57 7.37
N LEU B 108 -1.70 -11.07 7.62
CA LEU B 108 -1.57 -12.33 8.35
C LEU B 108 -0.51 -12.26 9.45
N ASN B 109 -0.82 -12.82 10.61
CA ASN B 109 0.13 -12.88 11.72
C ASN B 109 0.96 -14.15 11.67
N LEU B 110 2.26 -14.01 11.95
CA LEU B 110 3.16 -15.15 11.93
C LEU B 110 3.82 -15.39 13.29
N THR B 111 3.62 -16.58 13.82
CA THR B 111 4.22 -16.99 15.08
C THR B 111 5.29 -18.05 14.84
N VAL B 112 6.43 -17.90 15.49
CA VAL B 112 7.53 -18.84 15.32
C VAL B 112 7.70 -19.75 16.54
N MET B 113 7.47 -21.04 16.35
CA MET B 113 7.56 -22.01 17.43
C MET B 113 8.99 -22.50 17.58
N ALA B 114 9.34 -22.93 18.79
CA ALA B 114 10.68 -23.42 19.07
C ALA B 114 10.68 -24.92 19.37
#